data_3ME4
#
_entry.id   3ME4
#
_cell.length_a   39.819
_cell.length_b   94.245
_cell.length_c   102.418
_cell.angle_alpha   90.00
_cell.angle_beta   90.00
_cell.angle_gamma   90.00
#
_symmetry.space_group_name_H-M   'P 21 21 21'
#
loop_
_entity.id
_entity.type
_entity.pdbx_description
1 polymer 'Tumor necrosis factor receptor superfamily member 11A'
2 non-polymer 'SODIUM ION'
3 non-polymer 'CHLORIDE ION'
4 non-polymer 'SULFATE ION'
5 non-polymer GLYCEROL
6 non-polymer 'ACETATE ION'
7 water water
#
_entity_poly.entity_id   1
_entity_poly.type   'polypeptide(L)'
_entity_poly.pdbx_seq_one_letter_code
;MGSSHHHHHHSSGLVPRGSHMHMQVTLQVTPPCTQERHYEHLGRCCSRCEPGKYLSSKCTPTSDSVCLPCGPDEYLDTWN
EEDKCLLHKVCDAGKALVAVDPGNHTAPRRCACTAGYHWNSDCECCRRNTECAPGFGAQHPLQLNKDTVCTPCLLGFFSD
VFSSTDKCKPWTNCTLLGKLEAHQGTTESDVVCSSSMTLRRPPKEAQALEHHHHHH
;
_entity_poly.pdbx_strand_id   A,B
#
loop_
_chem_comp.id
_chem_comp.type
_chem_comp.name
_chem_comp.formula
ACT non-polymer 'ACETATE ION' 'C2 H3 O2 -1'
CL non-polymer 'CHLORIDE ION' 'Cl -1'
GOL non-polymer GLYCEROL 'C3 H8 O3'
NA non-polymer 'SODIUM ION' 'Na 1'
SO4 non-polymer 'SULFATE ION' 'O4 S -2'
#
# COMPACT_ATOMS: atom_id res chain seq x y z
N PRO A 31 42.42 7.80 3.19
CA PRO A 31 43.41 6.72 3.04
C PRO A 31 43.93 6.45 1.61
N PRO A 32 43.09 6.59 0.56
CA PRO A 32 41.68 6.97 0.44
C PRO A 32 40.72 5.79 0.27
N CYS A 33 41.01 4.69 0.95
CA CYS A 33 40.16 3.51 0.94
C CYS A 33 39.00 3.70 1.92
N THR A 34 37.89 4.26 1.41
CA THR A 34 36.75 4.65 2.24
C THR A 34 36.07 3.45 2.90
N GLN A 35 36.02 3.49 4.24
CA GLN A 35 35.37 2.44 5.05
C GLN A 35 33.92 2.20 4.63
N GLU A 36 33.20 3.28 4.32
CA GLU A 36 31.81 3.23 3.88
C GLU A 36 31.56 2.25 2.74
N ARG A 37 32.48 2.21 1.77
CA ARG A 37 32.29 1.45 0.54
C ARG A 37 33.38 0.40 0.25
N HIS A 38 34.31 0.24 1.18
CA HIS A 38 35.44 -0.66 0.97
C HIS A 38 35.78 -1.47 2.23
N TYR A 39 36.60 -2.50 2.04
CA TYR A 39 37.17 -3.27 3.14
C TYR A 39 38.64 -3.57 2.82
N GLU A 40 39.46 -3.71 3.87
CA GLU A 40 40.87 -4.04 3.67
C GLU A 40 41.12 -5.54 3.78
N HIS A 41 41.91 -6.06 2.83
CA HIS A 41 42.22 -7.49 2.75
C HIS A 41 43.56 -7.69 2.03
N LEU A 42 44.50 -8.33 2.74
CA LEU A 42 45.86 -8.60 2.23
C LEU A 42 46.58 -7.37 1.67
N GLY A 43 46.44 -6.24 2.37
CA GLY A 43 47.08 -4.99 1.98
C GLY A 43 46.45 -4.30 0.77
N ARG A 44 45.22 -4.70 0.45
CA ARG A 44 44.51 -4.15 -0.72
C ARG A 44 43.22 -3.43 -0.36
N CYS A 45 42.86 -2.45 -1.18
CA CYS A 45 41.60 -1.73 -1.04
C CYS A 45 40.54 -2.33 -1.96
N CYS A 46 39.54 -2.97 -1.37
CA CYS A 46 38.56 -3.71 -2.15
C CYS A 46 37.14 -3.24 -1.87
N SER A 47 36.33 -3.24 -2.90
CA SER A 47 34.97 -2.70 -2.81
C SER A 47 34.03 -3.66 -2.11
N ARG A 48 33.28 -3.13 -1.14
CA ARG A 48 32.21 -3.86 -0.48
C ARG A 48 31.10 -4.15 -1.48
N CYS A 49 30.27 -5.15 -1.15
CA CYS A 49 29.12 -5.50 -1.97
C CYS A 49 27.93 -4.59 -1.69
N GLU A 50 27.20 -4.22 -2.74
CA GLU A 50 26.00 -3.40 -2.60
C GLU A 50 24.93 -4.14 -1.80
N PRO A 51 24.02 -3.37 -1.16
CA PRO A 51 22.83 -3.97 -0.55
C PRO A 51 22.17 -4.93 -1.53
N GLY A 52 21.78 -6.11 -1.04
CA GLY A 52 21.17 -7.13 -1.89
C GLY A 52 22.15 -8.17 -2.43
N LYS A 53 23.44 -7.93 -2.21
CA LYS A 53 24.50 -8.85 -2.63
C LYS A 53 25.45 -9.18 -1.49
N TYR A 54 26.04 -10.37 -1.56
CA TYR A 54 27.00 -10.83 -0.56
C TYR A 54 28.35 -11.13 -1.19
N LEU A 55 29.39 -11.07 -0.35
CA LEU A 55 30.76 -11.30 -0.81
C LEU A 55 31.02 -12.78 -1.08
N SER A 56 30.97 -13.16 -2.36
CA SER A 56 31.21 -14.55 -2.77
C SER A 56 32.69 -14.90 -2.70
N SER A 57 33.54 -13.96 -3.12
CA SER A 57 34.98 -14.09 -2.91
C SER A 57 35.65 -12.72 -2.82
N LYS A 58 36.62 -12.64 -1.91
CA LYS A 58 37.37 -11.40 -1.69
C LYS A 58 38.25 -11.08 -2.89
N CYS A 59 38.68 -9.83 -2.98
CA CYS A 59 39.48 -9.33 -4.09
C CYS A 59 40.81 -10.06 -4.26
N THR A 60 41.38 -9.95 -5.47
CA THR A 60 42.71 -10.49 -5.79
C THR A 60 43.55 -9.41 -6.50
N PRO A 61 44.85 -9.67 -6.76
CA PRO A 61 45.70 -8.67 -7.41
C PRO A 61 45.18 -8.12 -8.74
N THR A 62 44.50 -8.95 -9.54
CA THR A 62 43.98 -8.53 -10.84
C THR A 62 42.45 -8.61 -10.94
N SER A 63 41.78 -8.82 -9.81
CA SER A 63 40.33 -8.93 -9.82
C SER A 63 39.63 -8.29 -8.62
N ASP A 64 38.46 -7.73 -8.90
CA ASP A 64 37.62 -7.07 -7.91
C ASP A 64 37.03 -8.07 -6.92
N SER A 65 36.19 -7.59 -6.00
CA SER A 65 35.39 -8.47 -5.16
C SER A 65 34.36 -9.16 -6.05
N VAL A 66 34.07 -10.42 -5.77
CA VAL A 66 32.95 -11.07 -6.43
C VAL A 66 31.73 -10.97 -5.53
N CYS A 67 30.79 -10.13 -5.95
CA CYS A 67 29.56 -9.91 -5.21
C CYS A 67 28.41 -10.51 -5.99
N LEU A 68 27.66 -11.38 -5.33
CA LEU A 68 26.55 -12.10 -5.93
C LEU A 68 25.24 -11.79 -5.21
N PRO A 69 24.11 -11.78 -5.94
CA PRO A 69 22.82 -11.49 -5.32
C PRO A 69 22.49 -12.45 -4.18
N CYS A 70 21.85 -11.92 -3.14
CA CYS A 70 21.24 -12.74 -2.10
C CYS A 70 20.23 -13.64 -2.76
N GLY A 71 19.99 -14.81 -2.18
CA GLY A 71 19.08 -15.80 -2.72
C GLY A 71 17.64 -15.42 -2.44
N PRO A 72 16.69 -16.24 -2.94
CA PRO A 72 15.30 -15.96 -2.63
C PRO A 72 15.10 -15.91 -1.12
N ASP A 73 14.22 -15.01 -0.67
CA ASP A 73 13.87 -14.85 0.76
C ASP A 73 14.99 -14.22 1.61
N GLU A 74 16.10 -13.87 0.97
CA GLU A 74 17.26 -13.37 1.70
C GLU A 74 17.53 -11.89 1.41
N TYR A 75 18.31 -11.25 2.27
CA TYR A 75 18.64 -9.84 2.11
C TYR A 75 19.91 -9.45 2.84
N LEU A 76 20.51 -8.34 2.38
CA LEU A 76 21.54 -7.60 3.11
C LEU A 76 21.28 -6.13 2.83
N ASP A 77 21.20 -5.32 3.88
CA ASP A 77 20.75 -3.95 3.69
C ASP A 77 21.88 -2.91 3.79
N THR A 78 23.12 -3.38 3.81
CA THR A 78 24.29 -2.50 3.87
C THR A 78 25.32 -2.85 2.81
N TRP A 79 26.13 -1.87 2.44
CA TRP A 79 27.37 -2.12 1.71
C TRP A 79 28.24 -2.97 2.61
N ASN A 80 28.51 -4.21 2.20
CA ASN A 80 28.97 -5.23 3.14
C ASN A 80 30.11 -6.11 2.64
N GLU A 81 30.64 -6.91 3.57
CA GLU A 81 31.60 -7.97 3.25
C GLU A 81 31.15 -9.31 3.85
N GLU A 82 29.83 -9.52 3.89
CA GLU A 82 29.24 -10.75 4.42
C GLU A 82 29.37 -11.94 3.46
N ASP A 83 29.71 -13.10 4.00
CA ASP A 83 29.82 -14.33 3.22
C ASP A 83 28.47 -15.00 2.95
N LYS A 84 27.45 -14.59 3.71
CA LYS A 84 26.07 -15.05 3.52
C LYS A 84 25.07 -13.93 3.83
N CYS A 85 23.87 -14.04 3.29
CA CYS A 85 22.80 -13.06 3.51
C CYS A 85 21.93 -13.44 4.72
N LEU A 86 21.14 -12.49 5.20
CA LEU A 86 20.16 -12.77 6.26
C LEU A 86 18.87 -13.31 5.63
N LEU A 87 18.14 -14.11 6.39
CA LEU A 87 16.87 -14.68 5.92
C LEU A 87 15.71 -13.80 6.38
N HIS A 88 14.83 -13.42 5.44
CA HIS A 88 13.63 -12.64 5.78
C HIS A 88 12.70 -13.48 6.65
N LYS A 89 12.12 -12.86 7.67
CA LYS A 89 11.01 -13.49 8.40
C LYS A 89 9.73 -13.25 7.60
N VAL A 90 8.83 -14.23 7.61
CA VAL A 90 7.51 -14.05 7.01
C VAL A 90 6.72 -13.01 7.82
N CYS A 91 5.89 -12.23 7.15
CA CYS A 91 4.91 -11.39 7.84
C CYS A 91 3.82 -12.29 8.40
N ASP A 92 3.45 -12.06 9.66
CA ASP A 92 2.65 -13.01 10.41
C ASP A 92 1.21 -13.02 9.91
N ALA A 93 0.86 -14.05 9.15
CA ALA A 93 -0.50 -14.21 8.64
C ALA A 93 -1.57 -14.36 9.74
N GLY A 94 -1.19 -14.94 10.87
CA GLY A 94 -2.06 -15.05 12.04
C GLY A 94 -2.49 -13.70 12.57
N LYS A 95 -1.71 -12.67 12.25
CA LYS A 95 -2.02 -11.29 12.63
C LYS A 95 -2.64 -10.52 11.46
N ALA A 96 -2.95 -11.24 10.38
CA ALA A 96 -3.52 -10.67 9.15
C ALA A 96 -2.55 -9.72 8.42
N LEU A 97 -1.25 -9.97 8.58
CA LEU A 97 -0.22 -9.21 7.90
C LEU A 97 0.22 -9.92 6.60
N VAL A 98 0.64 -9.10 5.63
CA VAL A 98 1.16 -9.57 4.36
C VAL A 98 2.44 -8.78 4.05
N ALA A 99 3.41 -9.41 3.39
CA ALA A 99 4.63 -8.73 2.98
C ALA A 99 4.39 -7.76 1.83
N VAL A 100 5.06 -6.61 1.86
CA VAL A 100 5.03 -5.67 0.74
C VAL A 100 6.38 -5.76 0.05
N ASP A 101 6.37 -5.91 -1.27
CA ASP A 101 7.60 -6.17 -2.04
C ASP A 101 8.42 -7.28 -1.37
N PRO A 102 7.79 -8.44 -1.13
CA PRO A 102 8.47 -9.54 -0.42
C PRO A 102 9.82 -9.92 -1.03
N GLY A 103 9.98 -9.70 -2.34
CA GLY A 103 11.19 -10.09 -3.04
C GLY A 103 12.39 -9.17 -2.86
N ASN A 104 12.20 -8.03 -2.19
CA ASN A 104 13.30 -7.08 -1.96
C ASN A 104 14.43 -7.73 -1.18
N HIS A 105 15.64 -7.66 -1.73
CA HIS A 105 16.83 -8.22 -1.08
C HIS A 105 17.72 -7.14 -0.47
N THR A 106 17.33 -5.87 -0.60
CA THR A 106 18.21 -4.76 -0.23
C THR A 106 17.85 -4.11 1.09
N ALA A 107 16.76 -4.57 1.70
CA ALA A 107 16.22 -3.91 2.88
C ALA A 107 15.46 -4.87 3.78
N PRO A 108 15.37 -4.53 5.09
CA PRO A 108 14.51 -5.31 5.98
C PRO A 108 13.06 -5.30 5.48
N ARG A 109 12.38 -6.42 5.62
CA ARG A 109 11.01 -6.59 5.16
C ARG A 109 10.04 -5.65 5.85
N ARG A 110 9.07 -5.18 5.09
CA ARG A 110 8.00 -4.38 5.63
C ARG A 110 6.69 -5.15 5.46
N CYS A 111 5.85 -5.11 6.49
CA CYS A 111 4.56 -5.76 6.47
C CYS A 111 3.48 -4.71 6.41
N ALA A 112 2.27 -5.15 6.07
CA ALA A 112 1.10 -4.29 6.14
C ALA A 112 -0.10 -5.16 6.38
N CYS A 113 -1.11 -4.61 7.05
CA CYS A 113 -2.37 -5.30 7.24
C CYS A 113 -2.98 -5.56 5.88
N THR A 114 -3.66 -6.69 5.76
CA THR A 114 -4.36 -7.04 4.54
C THR A 114 -5.43 -5.99 4.18
N ALA A 115 -5.83 -5.96 2.91
CA ALA A 115 -6.77 -4.95 2.40
C ALA A 115 -8.03 -4.89 3.26
N GLY A 116 -8.45 -3.69 3.64
CA GLY A 116 -9.64 -3.53 4.48
C GLY A 116 -9.33 -3.41 5.96
N TYR A 117 -8.05 -3.52 6.31
CA TYR A 117 -7.58 -3.47 7.69
C TYR A 117 -6.44 -2.46 7.79
N HIS A 118 -6.21 -1.93 8.99
CA HIS A 118 -5.11 -1.00 9.24
C HIS A 118 -4.34 -1.37 10.49
N TRP A 119 -3.04 -1.08 10.50
CA TRP A 119 -2.22 -1.30 11.68
C TRP A 119 -2.57 -0.25 12.73
N ASN A 120 -2.96 -0.73 13.90
CA ASN A 120 -3.27 0.12 15.03
C ASN A 120 -2.10 0.12 16.01
N SER A 121 -1.56 1.32 16.30
CA SER A 121 -0.37 1.49 17.14
C SER A 121 -0.60 1.21 18.63
N ASP A 122 -1.84 1.34 19.07
CA ASP A 122 -2.18 1.11 20.47
C ASP A 122 -2.16 -0.38 20.81
N CYS A 123 -2.62 -1.22 19.87
CA CYS A 123 -2.67 -2.66 20.09
C CYS A 123 -1.54 -3.36 19.37
N GLU A 124 -0.80 -2.62 18.55
CA GLU A 124 0.16 -3.18 17.60
C GLU A 124 -0.47 -4.38 16.89
N CYS A 125 -1.57 -4.11 16.19
CA CYS A 125 -2.36 -5.17 15.58
C CYS A 125 -3.23 -4.61 14.45
N CYS A 126 -3.68 -5.50 13.58
CA CYS A 126 -4.57 -5.16 12.47
C CYS A 126 -6.02 -5.02 12.92
N ARG A 127 -6.61 -3.87 12.63
CA ARG A 127 -8.00 -3.63 12.97
C ARG A 127 -8.82 -3.34 11.71
N ARG A 128 -10.07 -3.79 11.72
CA ARG A 128 -10.99 -3.57 10.62
C ARG A 128 -11.13 -2.08 10.32
N ASN A 129 -11.12 -1.72 9.03
CA ASN A 129 -11.26 -0.30 8.65
C ASN A 129 -12.65 0.24 8.96
N THR A 130 -12.69 1.51 9.38
CA THR A 130 -13.94 2.21 9.65
C THR A 130 -14.80 2.23 8.39
N GLU A 131 -16.10 1.96 8.56
CA GLU A 131 -17.03 2.00 7.43
C GLU A 131 -17.73 3.36 7.41
N CYS A 132 -17.74 3.99 6.25
CA CYS A 132 -18.41 5.28 6.13
C CYS A 132 -19.88 5.00 5.93
N ALA A 133 -20.71 5.60 6.79
CA ALA A 133 -22.16 5.43 6.75
C ALA A 133 -22.75 6.00 5.45
N PRO A 134 -24.01 5.61 5.13
CA PRO A 134 -24.68 6.27 4.01
C PRO A 134 -24.66 7.78 4.18
N GLY A 135 -24.40 8.51 3.09
CA GLY A 135 -24.28 9.96 3.17
C GLY A 135 -22.85 10.42 3.38
N PHE A 136 -21.97 9.47 3.67
CA PHE A 136 -20.55 9.71 3.84
C PHE A 136 -19.80 8.84 2.87
N GLY A 137 -18.60 9.27 2.50
CA GLY A 137 -17.77 8.51 1.57
C GLY A 137 -16.34 8.43 2.05
N ALA A 138 -15.63 7.41 1.58
CA ALA A 138 -14.22 7.25 1.91
C ALA A 138 -13.41 8.25 1.10
N GLN A 139 -12.46 8.93 1.75
CA GLN A 139 -11.51 9.79 1.04
C GLN A 139 -10.59 8.93 0.19
N HIS A 140 -10.40 9.34 -1.06
CA HIS A 140 -9.55 8.62 -2.01
C HIS A 140 -8.34 9.51 -2.36
N PRO A 141 -7.19 8.90 -2.69
CA PRO A 141 -6.95 7.46 -2.73
C PRO A 141 -6.86 6.82 -1.36
N LEU A 142 -7.32 5.59 -1.26
CA LEU A 142 -7.18 4.83 -0.02
C LEU A 142 -5.69 4.61 0.24
N GLN A 143 -5.32 4.63 1.51
CA GLN A 143 -3.93 4.45 1.91
C GLN A 143 -3.73 3.04 2.49
N LEU A 144 -2.74 2.33 1.97
CA LEU A 144 -2.40 1.01 2.48
C LEU A 144 -2.02 1.09 3.96
N ASN A 145 -2.58 0.19 4.77
CA ASN A 145 -2.27 0.07 6.19
C ASN A 145 -2.85 1.18 7.06
N LYS A 146 -3.71 2.02 6.49
CA LYS A 146 -4.27 3.16 7.19
C LYS A 146 -5.79 3.05 7.26
N ASP A 147 -6.36 3.58 8.33
CA ASP A 147 -7.80 3.54 8.49
C ASP A 147 -8.45 4.48 7.48
N THR A 148 -9.64 4.09 7.03
CA THR A 148 -10.42 4.92 6.12
C THR A 148 -10.82 6.24 6.80
N VAL A 149 -10.66 7.35 6.07
CA VAL A 149 -11.17 8.62 6.55
C VAL A 149 -12.49 8.91 5.85
N CYS A 150 -13.54 9.15 6.62
CA CYS A 150 -14.88 9.34 6.06
C CYS A 150 -15.27 10.81 6.00
N THR A 151 -15.84 11.23 4.88
CA THR A 151 -16.22 12.63 4.65
C THR A 151 -17.66 12.71 4.10
N PRO A 152 -18.42 13.76 4.47
CA PRO A 152 -19.81 13.88 4.01
C PRO A 152 -19.87 13.98 2.49
N CYS A 153 -20.84 13.29 1.88
CA CYS A 153 -21.09 13.48 0.45
C CYS A 153 -21.58 14.90 0.23
N LEU A 154 -21.03 15.58 -0.77
CA LEU A 154 -21.50 16.91 -1.16
C LEU A 154 -22.79 16.78 -1.92
N LEU A 155 -23.63 17.82 -1.90
CA LEU A 155 -24.82 17.84 -2.76
C LEU A 155 -24.37 17.53 -4.18
N GLY A 156 -25.13 16.66 -4.85
CA GLY A 156 -24.75 16.17 -6.17
C GLY A 156 -24.15 14.77 -6.16
N PHE A 157 -23.90 14.24 -4.97
CA PHE A 157 -23.20 12.98 -4.80
C PHE A 157 -23.89 12.21 -3.69
N PHE A 158 -23.77 10.89 -3.71
CA PHE A 158 -24.46 10.09 -2.70
C PHE A 158 -23.67 8.85 -2.31
N SER A 159 -24.04 8.29 -1.17
CA SER A 159 -23.61 6.96 -0.78
C SER A 159 -24.75 6.30 -0.04
N ASP A 160 -25.18 5.15 -0.54
CA ASP A 160 -26.33 4.44 0.02
C ASP A 160 -25.95 3.25 0.87
N VAL A 161 -24.65 3.08 1.13
CA VAL A 161 -24.15 1.89 1.84
C VAL A 161 -23.13 2.23 2.92
N PHE A 162 -22.97 1.30 3.88
CA PHE A 162 -21.85 1.31 4.82
C PHE A 162 -20.70 0.65 4.10
N SER A 163 -19.56 1.36 4.02
CA SER A 163 -18.41 0.86 3.27
C SER A 163 -17.14 1.58 3.68
N SER A 164 -16.07 0.82 3.87
CA SER A 164 -14.78 1.39 4.20
C SER A 164 -13.97 1.75 2.96
N THR A 165 -14.55 1.52 1.76
CA THR A 165 -13.85 1.81 0.51
C THR A 165 -14.58 2.77 -0.43
N ASP A 166 -15.92 2.71 -0.46
CA ASP A 166 -16.72 3.47 -1.41
C ASP A 166 -16.60 4.98 -1.16
N LYS A 167 -16.24 5.73 -2.20
CA LYS A 167 -16.36 7.18 -2.14
C LYS A 167 -17.78 7.56 -2.56
N CYS A 168 -18.16 8.81 -2.34
CA CYS A 168 -19.44 9.32 -2.82
C CYS A 168 -19.50 9.30 -4.34
N LYS A 169 -20.62 8.83 -4.85
CA LYS A 169 -20.85 8.66 -6.27
C LYS A 169 -21.70 9.81 -6.81
N PRO A 170 -21.35 10.35 -7.99
CA PRO A 170 -22.16 11.44 -8.56
C PRO A 170 -23.58 10.98 -8.86
N TRP A 171 -24.56 11.87 -8.64
CA TRP A 171 -25.96 11.58 -8.96
C TRP A 171 -26.07 11.28 -10.44
N THR A 172 -27.00 10.39 -10.80
CA THR A 172 -27.43 10.23 -12.17
C THR A 172 -27.90 11.60 -12.69
N ASN A 173 -27.48 11.94 -13.92
CA ASN A 173 -27.80 13.23 -14.54
C ASN A 173 -28.97 13.12 -15.54
N CYS A 174 -30.19 13.37 -15.08
CA CYS A 174 -31.39 13.31 -15.91
C CYS A 174 -31.46 14.45 -16.93
N THR A 175 -30.91 15.60 -16.55
CA THR A 175 -30.81 16.76 -17.44
C THR A 175 -30.04 16.40 -18.71
N LEU A 176 -28.96 15.63 -18.55
CA LEU A 176 -28.13 15.18 -19.67
C LEU A 176 -28.96 14.42 -20.72
N LEU A 177 -29.92 13.61 -20.23
CA LEU A 177 -30.77 12.78 -21.09
C LEU A 177 -32.06 13.50 -21.50
N GLY A 178 -32.27 14.69 -20.94
CA GLY A 178 -33.48 15.48 -21.22
C GLY A 178 -34.72 14.86 -20.60
N LYS A 179 -34.52 14.08 -19.53
CA LYS A 179 -35.59 13.42 -18.80
C LYS A 179 -35.91 14.23 -17.56
N LEU A 180 -37.16 14.12 -17.11
CA LEU A 180 -37.54 14.64 -15.80
C LEU A 180 -37.10 13.64 -14.72
N GLU A 181 -37.06 14.09 -13.47
CA GLU A 181 -36.73 13.19 -12.36
C GLU A 181 -37.99 12.54 -11.80
N ALA A 182 -37.95 11.22 -11.64
CA ALA A 182 -39.03 10.49 -10.99
C ALA A 182 -38.88 10.54 -9.46
N HIS A 183 -37.64 10.65 -9.00
CA HIS A 183 -37.31 10.70 -7.57
C HIS A 183 -36.10 11.60 -7.32
N GLN A 184 -36.27 12.54 -6.40
CA GLN A 184 -35.23 13.51 -6.06
C GLN A 184 -34.05 12.77 -5.43
N GLY A 185 -32.84 13.19 -5.77
CA GLY A 185 -31.65 12.63 -5.15
C GLY A 185 -31.42 13.18 -3.75
N THR A 186 -30.68 12.43 -2.93
CA THR A 186 -30.23 12.89 -1.63
C THR A 186 -28.75 12.52 -1.50
N THR A 187 -28.14 12.82 -0.35
CA THR A 187 -26.78 12.37 -0.10
C THR A 187 -26.74 10.87 0.26
N GLU A 188 -27.91 10.25 0.34
CA GLU A 188 -28.03 8.84 0.69
C GLU A 188 -28.67 8.00 -0.42
N SER A 189 -29.19 8.66 -1.44
CA SER A 189 -29.88 7.96 -2.53
C SER A 189 -29.73 8.69 -3.85
N ASP A 190 -29.61 7.90 -4.92
CA ASP A 190 -29.41 8.43 -6.25
C ASP A 190 -30.69 9.05 -6.78
N VAL A 191 -30.53 10.07 -7.62
CA VAL A 191 -31.59 10.54 -8.51
C VAL A 191 -32.08 9.38 -9.37
N VAL A 192 -33.40 9.34 -9.60
CA VAL A 192 -33.99 8.40 -10.54
C VAL A 192 -34.69 9.18 -11.65
N CYS A 193 -34.33 8.91 -12.89
CA CYS A 193 -34.95 9.58 -14.03
C CYS A 193 -36.26 8.91 -14.40
N SER A 194 -37.20 9.72 -14.88
CA SER A 194 -38.42 9.18 -15.48
C SER A 194 -38.12 8.54 -16.83
N SER A 195 -38.85 7.48 -17.17
CA SER A 195 -38.77 6.86 -18.50
C SER A 195 -39.70 7.57 -19.48
N SER A 196 -40.57 8.42 -18.94
CA SER A 196 -41.55 9.12 -19.76
C SER A 196 -40.90 10.12 -20.71
N MET A 197 -41.54 10.30 -21.86
CA MET A 197 -41.12 11.32 -22.81
C MET A 197 -41.94 12.58 -22.57
N THR A 198 -41.34 13.72 -22.87
CA THR A 198 -42.04 15.01 -22.81
C THR A 198 -41.90 15.77 -24.12
N LEU A 199 -42.82 16.69 -24.35
CA LEU A 199 -42.80 17.51 -25.56
C LEU A 199 -42.46 18.96 -25.22
N THR B 34 -34.28 -9.82 -8.32
CA THR B 34 -33.26 -9.45 -7.30
C THR B 34 -32.51 -8.20 -7.74
N GLN B 35 -32.47 -7.19 -6.86
CA GLN B 35 -31.77 -5.94 -7.14
C GLN B 35 -30.25 -6.11 -7.22
N GLU B 36 -29.74 -7.19 -6.62
CA GLU B 36 -28.31 -7.44 -6.53
C GLU B 36 -27.68 -7.92 -7.84
N ARG B 37 -28.33 -8.89 -8.48
CA ARG B 37 -27.81 -9.49 -9.71
C ARG B 37 -28.54 -8.99 -10.97
N HIS B 38 -29.66 -8.29 -10.78
CA HIS B 38 -30.51 -7.92 -11.91
C HIS B 38 -30.95 -6.45 -11.89
N TYR B 39 -31.20 -5.92 -13.09
CA TYR B 39 -31.91 -4.66 -13.26
C TYR B 39 -33.13 -4.90 -14.16
N GLU B 40 -34.14 -4.06 -14.01
CA GLU B 40 -35.31 -4.19 -14.87
C GLU B 40 -35.30 -3.21 -16.04
N HIS B 41 -35.67 -3.75 -17.20
CA HIS B 41 -35.65 -3.03 -18.46
C HIS B 41 -36.51 -3.85 -19.40
N LEU B 42 -37.26 -3.19 -20.28
CA LEU B 42 -38.19 -3.85 -21.20
C LEU B 42 -39.05 -4.91 -20.51
N GLY B 43 -39.51 -4.59 -19.30
CA GLY B 43 -40.42 -5.45 -18.53
C GLY B 43 -39.86 -6.79 -18.07
N ARG B 44 -38.54 -6.94 -18.08
CA ARG B 44 -37.88 -8.16 -17.63
C ARG B 44 -36.71 -7.85 -16.71
N CYS B 45 -36.30 -8.84 -15.91
CA CYS B 45 -35.09 -8.73 -15.10
C CYS B 45 -33.88 -9.17 -15.90
N CYS B 46 -33.06 -8.20 -16.28
CA CYS B 46 -31.83 -8.47 -17.02
C CYS B 46 -30.66 -8.45 -16.06
N SER B 47 -29.59 -9.17 -16.40
CA SER B 47 -28.49 -9.38 -15.48
C SER B 47 -27.49 -8.22 -15.43
N ARG B 48 -27.12 -7.84 -14.22
CA ARG B 48 -26.09 -6.82 -14.02
C ARG B 48 -24.71 -7.39 -14.38
N CYS B 49 -23.72 -6.52 -14.46
CA CYS B 49 -22.38 -6.92 -14.83
C CYS B 49 -21.57 -7.28 -13.60
N GLU B 50 -20.83 -8.38 -13.67
CA GLU B 50 -19.96 -8.81 -12.57
C GLU B 50 -18.86 -7.79 -12.29
N PRO B 51 -18.36 -7.73 -11.03
CA PRO B 51 -17.22 -6.86 -10.75
C PRO B 51 -16.12 -7.07 -11.79
N GLY B 52 -15.49 -5.99 -12.21
CA GLY B 52 -14.47 -6.06 -13.26
C GLY B 52 -14.99 -5.83 -14.67
N LYS B 53 -16.32 -5.69 -14.80
CA LYS B 53 -16.97 -5.49 -16.11
C LYS B 53 -17.97 -4.35 -16.07
N TYR B 54 -18.10 -3.62 -17.18
CA TYR B 54 -19.10 -2.54 -17.29
C TYR B 54 -20.23 -2.90 -18.26
N LEU B 55 -21.36 -2.22 -18.14
CA LEU B 55 -22.50 -2.44 -19.02
C LEU B 55 -22.34 -1.68 -20.33
N SER B 56 -21.85 -2.37 -21.35
CA SER B 56 -21.67 -1.79 -22.68
C SER B 56 -23.00 -1.57 -23.39
N SER B 57 -23.91 -2.54 -23.26
CA SER B 57 -25.25 -2.42 -23.85
C SER B 57 -26.28 -3.04 -22.94
N LYS B 58 -27.37 -2.31 -22.70
CA LYS B 58 -28.49 -2.84 -21.93
C LYS B 58 -29.10 -4.02 -22.67
N CYS B 59 -29.81 -4.87 -21.95
CA CYS B 59 -30.47 -6.02 -22.57
C CYS B 59 -31.49 -5.59 -23.63
N THR B 60 -31.67 -6.45 -24.63
CA THR B 60 -32.61 -6.20 -25.73
C THR B 60 -33.73 -7.24 -25.70
N PRO B 61 -34.73 -7.12 -26.60
CA PRO B 61 -35.73 -8.18 -26.69
C PRO B 61 -35.13 -9.53 -27.12
N THR B 62 -33.94 -9.48 -27.73
CA THR B 62 -33.22 -10.67 -28.17
C THR B 62 -32.16 -11.13 -27.16
N SER B 63 -31.49 -10.17 -26.54
CA SER B 63 -30.29 -10.45 -25.76
C SER B 63 -30.35 -9.95 -24.33
N ASP B 64 -29.59 -10.64 -23.47
CA ASP B 64 -29.31 -10.17 -22.13
C ASP B 64 -28.29 -9.03 -22.23
N SER B 65 -27.90 -8.47 -21.09
CA SER B 65 -26.90 -7.41 -21.02
C SER B 65 -25.57 -7.78 -21.71
N VAL B 66 -24.93 -6.78 -22.30
CA VAL B 66 -23.57 -6.93 -22.82
C VAL B 66 -22.58 -6.25 -21.86
N CYS B 67 -21.76 -7.06 -21.21
CA CYS B 67 -20.79 -6.58 -20.22
C CYS B 67 -19.36 -6.83 -20.70
N LEU B 68 -18.52 -5.80 -20.62
CA LEU B 68 -17.14 -5.87 -21.11
C LEU B 68 -16.13 -5.57 -20.00
N PRO B 69 -14.91 -6.16 -20.07
CA PRO B 69 -13.90 -5.92 -19.04
C PRO B 69 -13.45 -4.47 -18.95
N CYS B 70 -13.12 -4.03 -17.74
CA CYS B 70 -12.54 -2.71 -17.52
C CYS B 70 -11.18 -2.60 -18.22
N GLY B 71 -10.84 -1.38 -18.64
CA GLY B 71 -9.54 -1.13 -19.26
C GLY B 71 -8.41 -1.06 -18.25
N PRO B 72 -7.21 -0.65 -18.69
CA PRO B 72 -6.06 -0.54 -17.78
C PRO B 72 -6.29 0.52 -16.70
N ASP B 73 -5.92 0.19 -15.46
CA ASP B 73 -6.06 1.07 -14.29
C ASP B 73 -7.51 1.51 -14.01
N GLU B 74 -8.44 0.62 -14.38
CA GLU B 74 -9.86 0.82 -14.17
C GLU B 74 -10.44 -0.33 -13.37
N TYR B 75 -11.56 -0.07 -12.70
CA TYR B 75 -12.20 -1.09 -11.88
C TYR B 75 -13.69 -0.82 -11.69
N LEU B 76 -14.41 -1.88 -11.37
CA LEU B 76 -15.73 -1.79 -10.76
C LEU B 76 -15.81 -2.94 -9.78
N ASP B 77 -16.14 -2.64 -8.52
CA ASP B 77 -16.05 -3.64 -7.45
C ASP B 77 -17.41 -4.22 -7.06
N THR B 78 -18.38 -4.05 -7.96
CA THR B 78 -19.76 -4.40 -7.69
C THR B 78 -20.46 -5.00 -8.92
N TRP B 79 -21.57 -5.70 -8.67
CA TRP B 79 -22.50 -6.04 -9.74
C TRP B 79 -23.22 -4.75 -10.10
N ASN B 80 -23.13 -4.35 -11.36
CA ASN B 80 -23.46 -2.97 -11.76
C ASN B 80 -24.18 -2.80 -13.10
N GLU B 81 -24.64 -1.57 -13.34
CA GLU B 81 -25.16 -1.13 -14.62
C GLU B 81 -24.39 0.10 -15.13
N GLU B 82 -23.12 0.21 -14.75
CA GLU B 82 -22.33 1.38 -15.14
C GLU B 82 -21.94 1.33 -16.61
N ASP B 83 -22.02 2.47 -17.29
CA ASP B 83 -21.69 2.52 -18.72
C ASP B 83 -20.20 2.74 -18.98
N LYS B 84 -19.43 2.81 -17.90
CA LYS B 84 -17.97 2.90 -17.94
C LYS B 84 -17.39 2.46 -16.59
N CYS B 85 -16.14 2.03 -16.57
CA CYS B 85 -15.48 1.64 -15.33
C CYS B 85 -14.95 2.86 -14.58
N LEU B 86 -14.68 2.70 -13.30
CA LEU B 86 -14.07 3.76 -12.50
C LEU B 86 -12.57 3.75 -12.74
N LEU B 87 -11.97 4.93 -12.83
CA LEU B 87 -10.53 5.05 -12.98
C LEU B 87 -9.89 5.15 -11.60
N HIS B 88 -8.84 4.37 -11.37
CA HIS B 88 -8.08 4.46 -10.12
C HIS B 88 -7.50 5.87 -10.01
N LYS B 89 -7.57 6.44 -8.80
CA LYS B 89 -6.95 7.73 -8.53
C LYS B 89 -5.44 7.58 -8.66
N VAL B 90 -4.80 8.56 -9.29
CA VAL B 90 -3.35 8.55 -9.42
C VAL B 90 -2.71 8.71 -8.04
N CYS B 91 -1.64 7.94 -7.80
CA CYS B 91 -0.85 8.11 -6.60
C CYS B 91 0.23 9.13 -6.95
N ASP B 92 0.15 10.30 -6.33
CA ASP B 92 0.95 11.44 -6.72
C ASP B 92 2.41 11.29 -6.27
N ALA B 93 3.28 11.01 -7.24
CA ALA B 93 4.72 10.88 -7.00
C ALA B 93 5.28 12.12 -6.31
N GLY B 94 4.66 13.27 -6.57
CA GLY B 94 5.06 14.54 -5.96
C GLY B 94 4.80 14.60 -4.46
N LYS B 95 3.93 13.72 -3.98
CA LYS B 95 3.63 13.62 -2.57
C LYS B 95 4.38 12.45 -1.94
N ALA B 96 5.28 11.85 -2.72
CA ALA B 96 6.07 10.66 -2.30
C ALA B 96 5.20 9.40 -2.20
N LEU B 97 4.09 9.41 -2.93
CA LEU B 97 3.19 8.27 -2.98
C LEU B 97 3.50 7.38 -4.18
N VAL B 98 3.24 6.08 -4.03
CA VAL B 98 3.29 5.13 -5.13
C VAL B 98 2.06 4.24 -5.09
N ALA B 99 1.79 3.55 -6.20
CA ALA B 99 0.66 2.66 -6.29
C ALA B 99 0.93 1.32 -5.63
N VAL B 100 -0.12 0.73 -5.06
CA VAL B 100 -0.07 -0.63 -4.52
C VAL B 100 -0.92 -1.47 -5.47
N ASP B 101 -0.30 -2.42 -6.15
CA ASP B 101 -0.99 -3.08 -7.27
C ASP B 101 -2.06 -4.05 -6.82
N PRO B 102 -3.29 -3.87 -7.33
CA PRO B 102 -4.40 -4.74 -6.94
C PRO B 102 -4.31 -6.13 -7.56
N GLY B 103 -3.70 -6.21 -8.75
CA GLY B 103 -3.60 -7.46 -9.51
C GLY B 103 -4.94 -7.94 -10.01
N ASN B 104 -5.86 -6.98 -10.23
CA ASN B 104 -7.23 -7.24 -10.68
C ASN B 104 -7.92 -5.93 -11.09
N HIS B 105 -9.15 -6.04 -11.60
CA HIS B 105 -9.98 -4.88 -11.96
C HIS B 105 -11.24 -4.82 -11.09
N THR B 106 -11.14 -5.35 -9.88
CA THR B 106 -12.31 -5.61 -9.05
C THR B 106 -12.22 -4.98 -7.66
N ALA B 107 -11.08 -4.38 -7.35
CA ALA B 107 -10.86 -3.72 -6.08
C ALA B 107 -10.43 -2.28 -6.30
N PRO B 108 -10.84 -1.35 -5.39
CA PRO B 108 -10.26 -0.02 -5.49
C PRO B 108 -8.78 -0.10 -5.16
N ARG B 109 -7.97 0.76 -5.75
CA ARG B 109 -6.53 0.68 -5.59
C ARG B 109 -6.04 1.60 -4.48
N ARG B 110 -5.16 1.08 -3.63
CA ARG B 110 -4.51 1.86 -2.59
C ARG B 110 -3.22 2.50 -3.09
N CYS B 111 -2.87 3.62 -2.47
CA CYS B 111 -1.54 4.22 -2.59
C CYS B 111 -0.82 3.98 -1.27
N ALA B 112 0.47 4.31 -1.23
CA ALA B 112 1.21 4.33 0.03
C ALA B 112 2.43 5.22 -0.14
N CYS B 113 2.87 5.80 0.97
CA CYS B 113 4.14 6.50 1.01
C CYS B 113 5.28 5.53 0.72
N THR B 114 6.31 6.06 0.09
CA THR B 114 7.47 5.28 -0.28
C THR B 114 8.19 4.80 0.98
N ALA B 115 8.92 3.69 0.85
CA ALA B 115 9.69 3.15 1.96
C ALA B 115 10.45 4.26 2.69
N GLY B 116 10.33 4.29 4.01
CA GLY B 116 11.00 5.31 4.82
C GLY B 116 10.09 6.48 5.17
N TYR B 117 8.88 6.48 4.61
CA TYR B 117 7.90 7.54 4.84
C TYR B 117 6.58 6.94 5.32
N HIS B 118 5.76 7.76 5.97
CA HIS B 118 4.44 7.32 6.44
C HIS B 118 3.37 8.38 6.24
N TRP B 119 2.16 7.91 5.92
CA TRP B 119 1.03 8.80 5.67
C TRP B 119 0.53 9.40 6.98
N ASN B 120 0.44 10.73 6.98
CA ASN B 120 -0.10 11.45 8.11
C ASN B 120 -1.42 12.05 7.64
N SER B 121 -2.51 11.65 8.27
CA SER B 121 -3.85 12.06 7.82
C SER B 121 -4.16 13.53 8.13
N ASP B 122 -3.48 14.08 9.13
CA ASP B 122 -3.63 15.50 9.47
C ASP B 122 -3.01 16.44 8.43
N CYS B 123 -1.77 16.15 8.01
CA CYS B 123 -1.15 16.91 6.94
C CYS B 123 -1.60 16.41 5.57
N GLU B 124 -2.24 15.24 5.54
CA GLU B 124 -2.56 14.54 4.29
C GLU B 124 -1.32 14.52 3.39
N CYS B 125 -0.24 14.02 3.96
CA CYS B 125 1.08 14.06 3.34
C CYS B 125 1.95 12.94 3.91
N CYS B 126 2.99 12.58 3.17
CA CYS B 126 3.97 11.60 3.61
C CYS B 126 5.05 12.28 4.46
N ARG B 127 5.24 11.77 5.68
CA ARG B 127 6.32 12.26 6.54
C ARG B 127 7.46 11.25 6.59
N ARG B 128 8.70 11.76 6.72
CA ARG B 128 9.88 10.92 6.98
C ARG B 128 9.66 10.14 8.26
N ASN B 129 9.97 8.86 8.25
CA ASN B 129 9.86 8.06 9.47
C ASN B 129 10.88 8.54 10.50
N THR B 130 10.44 8.65 11.77
CA THR B 130 11.30 9.00 12.89
C THR B 130 12.58 8.15 12.90
N GLU B 131 13.73 8.80 12.90
CA GLU B 131 15.00 8.09 13.05
C GLU B 131 15.27 7.83 14.53
N CYS B 132 15.43 6.57 14.91
CA CYS B 132 15.76 6.22 16.28
C CYS B 132 17.19 6.70 16.53
N ALA B 133 17.37 7.50 17.58
CA ALA B 133 18.66 8.11 17.90
C ALA B 133 19.68 7.04 18.31
N PRO B 134 20.98 7.38 18.40
CA PRO B 134 21.91 6.44 19.01
C PRO B 134 21.40 6.05 20.40
N GLY B 135 21.59 4.81 20.81
CA GLY B 135 21.05 4.36 22.09
C GLY B 135 19.68 3.75 21.94
N PHE B 136 19.08 3.93 20.75
CA PHE B 136 17.75 3.38 20.44
C PHE B 136 17.77 2.58 19.13
N GLY B 137 16.84 1.64 19.02
CA GLY B 137 16.69 0.85 17.82
C GLY B 137 15.26 0.80 17.32
N ALA B 138 15.13 0.64 16.00
CA ALA B 138 13.85 0.50 15.34
C ALA B 138 13.26 -0.87 15.65
N GLN B 139 11.99 -0.89 16.05
CA GLN B 139 11.28 -2.14 16.27
C GLN B 139 10.91 -2.78 14.92
N HIS B 140 11.07 -4.09 14.84
CA HIS B 140 10.64 -4.87 13.67
C HIS B 140 9.54 -5.82 14.10
N PRO B 141 8.70 -6.26 13.15
CA PRO B 141 8.74 -5.91 11.73
C PRO B 141 8.30 -4.47 11.45
N LEU B 142 8.89 -3.86 10.43
CA LEU B 142 8.52 -2.53 10.01
C LEU B 142 7.16 -2.56 9.31
N GLN B 143 6.33 -1.55 9.57
CA GLN B 143 5.00 -1.50 9.00
C GLN B 143 4.96 -0.47 7.88
N LEU B 144 4.56 -0.91 6.70
CA LEU B 144 4.47 0.01 5.56
C LEU B 144 3.49 1.13 5.87
N ASN B 145 3.88 2.36 5.52
CA ASN B 145 3.00 3.54 5.64
C ASN B 145 2.74 3.97 7.09
N LYS B 146 3.54 3.42 8.02
CA LYS B 146 3.45 3.76 9.45
C LYS B 146 4.81 4.23 9.97
N ASP B 147 4.78 5.09 10.98
CA ASP B 147 6.02 5.60 11.55
C ASP B 147 6.75 4.49 12.32
N THR B 148 8.06 4.66 12.46
CA THR B 148 8.89 3.71 13.19
C THR B 148 8.63 3.79 14.71
N VAL B 149 8.57 2.64 15.36
CA VAL B 149 8.58 2.55 16.82
C VAL B 149 10.03 2.38 17.26
N CYS B 150 10.51 3.30 18.10
CA CYS B 150 11.89 3.25 18.58
C CYS B 150 11.94 2.75 20.01
N THR B 151 12.89 1.86 20.31
CA THR B 151 13.08 1.35 21.67
C THR B 151 14.55 1.40 22.12
N PRO B 152 14.78 1.68 23.42
CA PRO B 152 16.17 1.76 23.90
C PRO B 152 16.91 0.44 23.73
N CYS B 153 18.18 0.52 23.37
CA CYS B 153 19.04 -0.66 23.29
C CYS B 153 19.27 -1.19 24.70
N LEU B 154 19.12 -2.50 24.86
CA LEU B 154 19.29 -3.13 26.17
C LEU B 154 20.75 -3.51 26.38
N LEU B 155 21.10 -3.83 27.62
CA LEU B 155 22.45 -4.26 27.98
C LEU B 155 23.00 -5.27 26.98
N GLY B 156 24.23 -5.04 26.52
CA GLY B 156 24.86 -5.91 25.52
C GLY B 156 24.64 -5.47 24.09
N PHE B 157 23.79 -4.46 23.90
CA PHE B 157 23.46 -3.95 22.57
C PHE B 157 23.68 -2.44 22.45
N PHE B 158 23.93 -1.97 21.22
CA PHE B 158 24.17 -0.56 20.99
C PHE B 158 23.61 -0.13 19.64
N SER B 159 23.47 1.18 19.48
CA SER B 159 23.22 1.76 18.17
C SER B 159 23.96 3.08 18.12
N ASP B 160 24.81 3.24 17.11
CA ASP B 160 25.66 4.42 17.02
C ASP B 160 25.16 5.43 16.00
N VAL B 161 23.98 5.18 15.42
CA VAL B 161 23.45 6.05 14.39
C VAL B 161 22.00 6.46 14.63
N PHE B 162 21.59 7.55 13.98
CA PHE B 162 20.17 7.86 13.80
C PHE B 162 19.68 7.04 12.60
N SER B 163 18.69 6.16 12.81
CA SER B 163 18.12 5.37 11.71
C SER B 163 16.67 4.93 12.00
N SER B 164 15.81 5.07 10.98
CA SER B 164 14.43 4.64 11.10
C SER B 164 14.26 3.15 10.84
N THR B 165 15.36 2.44 10.58
CA THR B 165 15.28 1.01 10.28
C THR B 165 16.23 0.14 11.09
N ASP B 166 17.39 0.68 11.45
CA ASP B 166 18.43 -0.11 12.12
C ASP B 166 18.02 -0.56 13.51
N LYS B 167 18.16 -1.86 13.75
CA LYS B 167 17.98 -2.42 15.08
C LYS B 167 19.22 -2.14 15.90
N CYS B 168 19.13 -2.36 17.20
CA CYS B 168 20.31 -2.30 18.06
C CYS B 168 21.18 -3.52 17.68
N LYS B 169 22.50 -3.32 17.68
CA LYS B 169 23.45 -4.38 17.34
C LYS B 169 24.17 -4.89 18.60
N PRO B 170 24.51 -6.18 18.65
CA PRO B 170 25.29 -6.74 19.76
C PRO B 170 26.68 -6.13 19.82
N TRP B 171 27.21 -5.95 21.03
CA TRP B 171 28.59 -5.52 21.19
C TRP B 171 29.49 -6.57 20.54
N THR B 172 30.53 -6.12 19.87
CA THR B 172 31.54 -7.05 19.35
C THR B 172 32.32 -7.62 20.53
N ASN B 173 32.61 -8.91 20.47
CA ASN B 173 33.26 -9.61 21.57
C ASN B 173 34.78 -9.43 21.53
N CYS B 174 35.31 -8.64 22.46
CA CYS B 174 36.74 -8.42 22.57
C CYS B 174 37.38 -9.43 23.55
N GLN B 184 35.11 -0.68 26.75
CA GLN B 184 33.75 -0.90 27.23
C GLN B 184 32.73 -0.36 26.25
N GLY B 185 31.73 -1.17 25.94
CA GLY B 185 30.61 -0.73 25.11
C GLY B 185 29.59 0.04 25.92
N THR B 186 28.79 0.85 25.21
CA THR B 186 27.64 1.53 25.81
C THR B 186 26.42 1.27 24.93
N THR B 187 25.32 1.97 25.21
CA THR B 187 24.13 1.85 24.39
C THR B 187 24.31 2.60 23.07
N GLU B 188 25.30 3.50 23.03
CA GLU B 188 25.55 4.32 21.85
C GLU B 188 26.84 3.95 21.13
N SER B 189 27.67 3.12 21.76
CA SER B 189 28.99 2.81 21.21
C SER B 189 29.39 1.36 21.45
N ASP B 190 30.06 0.79 20.45
CA ASP B 190 30.58 -0.56 20.53
C ASP B 190 31.78 -0.63 21.46
N VAL B 191 32.10 -1.83 21.94
CA VAL B 191 33.34 -2.09 22.67
C VAL B 191 34.53 -1.71 21.77
N VAL B 192 35.61 -1.25 22.38
CA VAL B 192 36.81 -0.82 21.64
C VAL B 192 37.93 -1.86 21.70
NA NA C . -20.85 5.19 2.62
CL CL D . 13.34 -8.90 7.25
S SO4 E . -29.91 15.64 1.49
O1 SO4 E . -31.24 16.19 1.73
O2 SO4 E . -29.61 15.64 0.07
O3 SO4 E . -28.93 16.47 2.18
O4 SO4 E . -29.85 14.27 2.01
S SO4 F . -39.36 11.21 -4.20
O1 SO4 F . -39.92 11.56 -2.90
O2 SO4 F . -38.81 12.39 -4.84
O3 SO4 F . -38.31 10.21 -4.02
O4 SO4 F . -40.43 10.65 -5.02
C1 GOL G . -30.13 15.12 -12.38
O1 GOL G . -31.17 15.83 -12.99
C2 GOL G . -29.31 16.05 -11.50
O2 GOL G . -28.85 17.15 -12.24
C3 GOL G . -28.13 15.28 -10.90
O3 GOL G . -27.07 15.16 -11.81
C1 GOL H . 9.74 -3.31 1.23
O1 GOL H . 10.56 -2.53 0.39
C2 GOL H . 10.33 -4.71 1.40
O2 GOL H . 9.50 -5.49 2.23
C3 GOL H . 11.72 -4.61 2.03
O3 GOL H . 12.31 -5.91 2.10
C1 GOL I . -8.61 -10.58 12.34
O1 GOL I . -9.98 -10.74 12.62
C2 GOL I . -8.00 -9.61 13.35
O2 GOL I . -8.59 -8.33 13.18
C3 GOL I . -6.50 -9.52 13.13
O3 GOL I . -5.89 -10.66 13.70
C1 GOL J . -7.07 9.05 2.19
O1 GOL J . -7.53 9.01 3.53
C2 GOL J . -6.26 10.32 1.94
O2 GOL J . -7.05 11.44 2.23
C3 GOL J . -5.85 10.40 0.47
O3 GOL J . -4.78 9.52 0.20
C ACT K . 23.81 -17.24 0.35
O ACT K . 23.16 -17.33 -0.72
OXT ACT K . 23.46 -16.31 1.13
CH3 ACT K . 24.91 -18.19 0.69
C ACT L . -16.79 14.08 -4.72
O ACT L . -17.60 14.98 -4.42
OXT ACT L . -16.66 13.17 -3.88
CH3 ACT L . -16.03 14.09 -6.02
NA NA M . 19.54 4.27 16.40
CL CL N . 14.96 8.15 19.32
CL CL O . -9.42 4.36 -6.70
#